data_7NX4
#
_entry.id   7NX4
#
_cell.length_a   84.930
_cell.length_b   84.930
_cell.length_c   148.666
_cell.angle_alpha   90.000
_cell.angle_beta   90.000
_cell.angle_gamma   90.000
#
_symmetry.space_group_name_H-M   'I 41'
#
loop_
_entity.id
_entity.type
_entity.pdbx_description
1 polymer 'ALK tyrosine kinase receptor'
2 non-polymer 2-acetamido-2-deoxy-beta-D-glucopyranose
3 non-polymer 'ZINC ION'
4 non-polymer 'NICKEL (II) ION'
#
_entity_poly.entity_id   1
_entity_poly.type   'polypeptide(L)'
_entity_poly.pdbx_seq_one_letter_code
;TAPKSRNLFERNPNKELKPGENSPRQTPIFDPTVHWLFTTCGASGPHGPTQAQCNNAYQNSNLSVEVGSEGPLKGIQIWK
VPATDTYSISGYGAAGGKGGKNTMMRSHGVSVLGIFNLEKDDMLYILVGQQGEDACPSTNQLIQKVCIGENNVIEEEIRV
NRSVHEWAGGGGGGGGATYVFKMKDGVPVPLIIAAGGGGRAYGAKTDTFHPERLENNSSVLGLNGNSGAAGGGGGWNDNT
SLLWAGKSLQEGATGGHSCPQAMKKWGWETRGGFGGGGGGCSSGGGGGGYIGGNAASNNDPEMDGEDGVSFISPLGILYT
PALKVMEGHGEVNIKHYLNCSHCEVDECHMDPESHKVICFCDHGTVLAEDGVSCIVSPTPEPHGTDEVD
;
_entity_poly.pdbx_strand_id   A
#
# COMPACT_ATOMS: atom_id res chain seq x y z
N ASP A 31 32.64 -4.55 3.57
CA ASP A 31 31.73 -5.16 4.53
C ASP A 31 30.40 -5.52 3.88
N PRO A 32 29.76 -6.58 4.38
CA PRO A 32 28.51 -7.04 3.76
C PRO A 32 27.41 -5.98 3.80
N THR A 33 26.46 -6.12 2.88
CA THR A 33 25.34 -5.21 2.79
C THR A 33 24.27 -5.59 3.81
N VAL A 34 23.74 -4.58 4.51
CA VAL A 34 22.71 -4.80 5.51
C VAL A 34 21.40 -4.07 5.18
N HIS A 35 21.35 -3.26 4.14
CA HIS A 35 20.17 -2.45 3.83
C HIS A 35 19.57 -2.90 2.51
N TRP A 36 18.25 -3.07 2.48
CA TRP A 36 17.54 -3.47 1.28
C TRP A 36 16.22 -2.71 1.22
N LEU A 37 15.97 -2.03 0.10
CA LEU A 37 14.80 -1.18 -0.06
C LEU A 37 14.04 -1.62 -1.31
N PHE A 38 12.81 -2.08 -1.13
CA PHE A 38 11.95 -2.50 -2.23
C PHE A 38 10.90 -1.42 -2.51
N THR A 39 10.75 -1.07 -3.77
CA THR A 39 9.79 -0.06 -4.21
C THR A 39 8.85 -0.66 -5.24
N THR A 40 8.01 0.21 -5.81
CA THR A 40 7.13 -0.19 -6.92
C THR A 40 7.88 -0.29 -8.24
N CYS A 41 9.19 -0.04 -8.24
CA CYS A 41 10.00 -0.10 -9.45
C CYS A 41 9.54 0.89 -10.51
N GLY A 42 8.99 2.03 -10.06
CA GLY A 42 8.47 3.03 -10.97
C GLY A 42 7.13 2.71 -11.58
N ALA A 43 6.48 1.63 -11.14
CA ALA A 43 5.19 1.25 -11.67
C ALA A 43 4.06 1.87 -10.84
N SER A 44 2.91 2.02 -11.49
CA SER A 44 1.75 2.62 -10.84
C SER A 44 0.49 2.04 -11.47
N GLY A 45 -0.61 2.17 -10.73
CA GLY A 45 -1.90 1.71 -11.21
C GLY A 45 -2.32 0.39 -10.58
N PRO A 46 -3.13 -0.38 -11.30
CA PRO A 46 -3.64 -1.64 -10.75
C PRO A 46 -2.73 -2.83 -11.02
N HIS A 47 -1.79 -2.69 -11.95
CA HIS A 47 -0.90 -3.77 -12.33
C HIS A 47 0.50 -3.53 -11.77
N GLY A 48 1.23 -4.62 -11.54
CA GLY A 48 2.52 -4.55 -10.90
C GLY A 48 3.64 -4.22 -11.88
N PRO A 49 4.85 -4.14 -11.34
CA PRO A 49 6.00 -3.79 -12.16
C PRO A 49 6.52 -4.96 -12.98
N THR A 50 7.25 -4.62 -14.03
CA THR A 50 7.90 -5.61 -14.87
C THR A 50 9.31 -5.90 -14.37
N GLN A 51 9.89 -6.99 -14.87
CA GLN A 51 11.27 -7.33 -14.51
C GLN A 51 12.23 -6.24 -14.96
N ALA A 52 11.98 -5.64 -16.13
CA ALA A 52 12.83 -4.56 -16.60
C ALA A 52 12.71 -3.33 -15.72
N GLN A 53 11.52 -3.06 -15.18
CA GLN A 53 11.33 -1.91 -14.31
C GLN A 53 12.12 -2.05 -13.02
N CYS A 54 12.09 -3.23 -12.41
CA CYS A 54 12.80 -3.43 -11.15
C CYS A 54 14.30 -3.52 -11.37
N ASN A 55 14.73 -4.14 -12.46
CA ASN A 55 16.15 -4.18 -12.79
C ASN A 55 16.70 -2.78 -12.99
N ASN A 56 15.96 -1.92 -13.69
CA ASN A 56 16.38 -0.54 -13.87
C ASN A 56 16.32 0.24 -12.57
N ALA A 57 15.38 -0.11 -11.68
CA ALA A 57 15.23 0.61 -10.43
C ALA A 57 16.32 0.23 -9.43
N TYR A 58 16.66 -1.06 -9.35
CA TYR A 58 17.67 -1.54 -8.42
C TYR A 58 19.05 -1.63 -9.05
N GLN A 59 19.22 -1.15 -10.28
CA GLN A 59 20.51 -1.17 -10.94
C GLN A 59 21.52 -0.34 -10.16
N ASN A 60 22.76 -0.83 -10.10
CA ASN A 60 23.87 -0.17 -9.42
C ASN A 60 23.63 -0.09 -7.92
N SER A 61 22.52 -0.64 -7.46
CA SER A 61 22.23 -0.80 -6.04
C SER A 61 22.49 -2.23 -5.62
N ASN A 62 22.75 -2.42 -4.32
CA ASN A 62 23.08 -3.74 -3.79
C ASN A 62 21.79 -4.52 -3.49
N LEU A 63 21.06 -4.80 -4.56
CA LEU A 63 19.78 -5.50 -4.46
C LEU A 63 19.37 -5.98 -5.85
N SER A 64 18.89 -7.21 -5.92
CA SER A 64 18.37 -7.78 -7.16
C SER A 64 17.30 -8.81 -6.83
N VAL A 65 16.19 -8.76 -7.55
CA VAL A 65 15.05 -9.64 -7.32
C VAL A 65 14.60 -10.23 -8.65
N GLU A 66 13.71 -11.23 -8.56
CA GLU A 66 13.08 -11.84 -9.71
C GLU A 66 11.59 -11.55 -9.65
N VAL A 67 11.09 -10.80 -10.63
CA VAL A 67 9.70 -10.36 -10.65
C VAL A 67 8.86 -11.40 -11.37
N GLY A 68 7.73 -11.77 -10.77
CA GLY A 68 6.81 -12.67 -11.43
C GLY A 68 6.13 -12.02 -12.62
N SER A 69 5.88 -12.84 -13.65
CA SER A 69 5.32 -12.35 -14.89
C SER A 69 4.03 -13.05 -15.31
N GLU A 70 3.71 -14.21 -14.74
CA GLU A 70 2.50 -14.93 -15.09
C GLU A 70 1.84 -15.46 -13.83
N GLY A 71 0.52 -15.63 -13.90
CA GLY A 71 -0.23 -16.16 -12.78
C GLY A 71 -0.38 -15.16 -11.66
N PRO A 72 -0.73 -15.66 -10.46
CA PRO A 72 -0.92 -14.76 -9.32
C PRO A 72 0.35 -14.09 -8.83
N LEU A 73 1.53 -14.53 -9.28
CA LEU A 73 2.79 -13.91 -8.90
C LEU A 73 3.16 -12.76 -9.81
N LYS A 74 2.32 -12.43 -10.79
CA LYS A 74 2.62 -11.35 -11.73
C LYS A 74 2.69 -10.01 -11.01
N GLY A 75 3.88 -9.41 -11.01
CA GLY A 75 4.11 -8.15 -10.34
C GLY A 75 4.66 -8.26 -8.94
N ILE A 76 4.85 -9.47 -8.42
CA ILE A 76 5.38 -9.68 -7.08
C ILE A 76 6.87 -9.98 -7.19
N GLN A 77 7.65 -9.38 -6.30
CA GLN A 77 9.11 -9.50 -6.34
C GLN A 77 9.56 -10.62 -5.42
N ILE A 78 10.36 -11.54 -5.96
CA ILE A 78 10.91 -12.65 -5.20
C ILE A 78 12.36 -12.32 -4.84
N TRP A 79 12.69 -12.41 -3.56
CA TRP A 79 13.99 -11.99 -3.05
C TRP A 79 14.62 -13.13 -2.27
N LYS A 80 15.89 -13.42 -2.57
CA LYS A 80 16.61 -14.49 -1.91
C LYS A 80 17.30 -13.96 -0.67
N VAL A 81 17.05 -14.61 0.46
CA VAL A 81 17.70 -14.22 1.72
C VAL A 81 19.19 -14.58 1.64
N PRO A 82 20.09 -13.64 1.89
CA PRO A 82 21.52 -13.92 1.68
C PRO A 82 22.16 -14.74 2.78
N ALA A 83 21.65 -14.65 4.01
CA ALA A 83 22.26 -15.36 5.12
C ALA A 83 21.22 -15.58 6.22
N THR A 84 21.46 -16.60 7.02
CA THR A 84 20.59 -16.91 8.16
C THR A 84 20.89 -15.94 9.29
N ASP A 85 19.95 -15.05 9.58
CA ASP A 85 20.14 -14.04 10.62
C ASP A 85 18.76 -13.52 11.03
N THR A 86 18.76 -12.46 11.84
CA THR A 86 17.54 -11.79 12.28
C THR A 86 17.33 -10.54 11.43
N TYR A 87 16.13 -10.38 10.89
CA TYR A 87 15.84 -9.31 9.95
C TYR A 87 14.64 -8.50 10.42
N SER A 88 14.70 -7.19 10.18
CA SER A 88 13.61 -6.27 10.48
C SER A 88 12.87 -5.98 9.18
N ILE A 89 11.64 -6.48 9.07
CA ILE A 89 10.83 -6.31 7.87
C ILE A 89 9.80 -5.23 8.19
N SER A 90 10.03 -4.03 7.67
CA SER A 90 9.12 -2.90 7.85
C SER A 90 8.53 -2.54 6.49
N GLY A 91 7.23 -2.77 6.32
CA GLY A 91 6.55 -2.49 5.07
C GLY A 91 5.48 -1.43 5.27
N TYR A 92 5.30 -0.60 4.25
CA TYR A 92 4.33 0.49 4.27
C TYR A 92 3.33 0.30 3.13
N GLY A 93 2.04 0.40 3.45
CA GLY A 93 1.01 0.28 2.44
C GLY A 93 0.89 1.53 1.59
N ALA A 94 0.07 1.43 0.55
CA ALA A 94 -0.14 2.54 -0.36
C ALA A 94 -1.38 3.33 0.02
N ALA A 95 -1.40 4.60 -0.37
CA ALA A 95 -2.50 5.50 -0.05
C ALA A 95 -3.60 5.41 -1.10
N GLY A 96 -4.79 5.84 -0.70
CA GLY A 96 -5.91 5.91 -1.61
C GLY A 96 -5.80 7.09 -2.57
N GLY A 97 -6.79 7.20 -3.44
CA GLY A 97 -6.82 8.25 -4.45
C GLY A 97 -7.63 9.45 -3.99
N LYS A 98 -7.20 10.63 -4.42
CA LYS A 98 -7.91 11.85 -4.09
C LYS A 98 -9.30 11.87 -4.72
N GLY A 99 -10.21 12.60 -4.09
CA GLY A 99 -11.52 12.83 -4.65
C GLY A 99 -11.48 13.85 -5.78
N GLY A 100 -12.66 14.17 -6.27
CA GLY A 100 -12.76 15.11 -7.38
C GLY A 100 -13.09 16.52 -6.99
N LYS A 101 -14.06 16.70 -6.09
CA LYS A 101 -14.57 18.03 -5.78
C LYS A 101 -13.64 18.79 -4.83
N ASN A 102 -13.46 18.27 -3.61
CA ASN A 102 -12.74 19.02 -2.59
C ASN A 102 -11.23 18.90 -2.69
N THR A 103 -10.73 17.88 -3.40
CA THR A 103 -9.29 17.61 -3.48
C THR A 103 -8.67 17.50 -2.09
N MET A 104 -9.45 16.95 -1.16
CA MET A 104 -8.98 16.77 0.20
C MET A 104 -7.89 15.70 0.24
N MET A 105 -6.91 15.88 1.11
CA MET A 105 -5.70 15.08 1.08
C MET A 105 -6.02 13.59 1.26
N ARG A 106 -5.13 12.75 0.74
CA ARG A 106 -5.36 11.33 0.64
C ARG A 106 -5.41 10.66 2.01
N SER A 107 -6.00 9.46 2.03
CA SER A 107 -5.95 8.59 3.19
C SER A 107 -4.64 7.81 3.14
N HIS A 108 -3.73 8.12 4.07
CA HIS A 108 -2.39 7.56 4.03
C HIS A 108 -2.42 6.05 4.23
N GLY A 109 -1.27 5.41 3.99
CA GLY A 109 -1.15 3.98 4.16
C GLY A 109 -0.68 3.60 5.55
N VAL A 110 -0.92 2.33 5.89
CA VAL A 110 -0.62 1.82 7.23
C VAL A 110 0.83 1.33 7.26
N SER A 111 1.50 1.54 8.38
CA SER A 111 2.88 1.15 8.58
C SER A 111 2.95 -0.03 9.55
N VAL A 112 3.70 -1.07 9.17
CA VAL A 112 3.90 -2.25 10.00
C VAL A 112 5.39 -2.57 10.00
N LEU A 113 5.93 -2.86 11.19
CA LEU A 113 7.34 -3.20 11.35
C LEU A 113 7.46 -4.47 12.18
N GLY A 114 8.21 -5.43 11.68
CA GLY A 114 8.35 -6.71 12.35
C GLY A 114 9.77 -7.23 12.28
N ILE A 115 10.14 -8.02 13.28
CA ILE A 115 11.47 -8.62 13.39
C ILE A 115 11.31 -10.13 13.25
N PHE A 116 11.96 -10.71 12.25
CA PHE A 116 11.78 -12.12 11.92
C PHE A 116 13.13 -12.84 11.85
N ASN A 117 13.10 -14.12 12.18
CA ASN A 117 14.23 -15.01 11.98
C ASN A 117 14.08 -15.70 10.63
N LEU A 118 15.10 -15.58 9.78
CA LEU A 118 15.06 -16.12 8.43
C LEU A 118 16.27 -17.01 8.19
N GLU A 119 16.09 -17.99 7.32
CA GLU A 119 17.16 -18.90 6.92
C GLU A 119 17.77 -18.45 5.60
N LYS A 120 19.01 -18.86 5.37
CA LYS A 120 19.67 -18.55 4.12
C LYS A 120 18.96 -19.26 2.96
N ASP A 121 18.95 -18.60 1.80
CA ASP A 121 18.34 -19.07 0.57
C ASP A 121 16.81 -19.18 0.67
N ASP A 122 16.21 -18.74 1.77
CA ASP A 122 14.77 -18.65 1.84
C ASP A 122 14.27 -17.63 0.81
N MET A 123 13.05 -17.84 0.33
CA MET A 123 12.48 -17.00 -0.72
C MET A 123 11.37 -16.16 -0.11
N LEU A 124 11.60 -14.85 -0.03
CA LEU A 124 10.59 -13.90 0.41
C LEU A 124 9.87 -13.34 -0.80
N TYR A 125 8.54 -13.32 -0.74
CA TYR A 125 7.71 -12.81 -1.82
C TYR A 125 7.13 -11.47 -1.37
N ILE A 126 7.53 -10.40 -2.06
CA ILE A 126 7.27 -9.04 -1.62
C ILE A 126 6.44 -8.33 -2.69
N LEU A 127 5.22 -7.95 -2.32
CA LEU A 127 4.37 -7.11 -3.14
C LEU A 127 4.36 -5.71 -2.53
N VAL A 128 4.74 -4.72 -3.32
CA VAL A 128 4.76 -3.33 -2.89
C VAL A 128 3.48 -2.68 -3.39
N GLY A 129 2.62 -2.29 -2.46
CA GLY A 129 1.33 -1.72 -2.84
C GLY A 129 1.50 -0.42 -3.60
N GLN A 130 0.65 -0.22 -4.59
CA GLN A 130 0.68 0.97 -5.44
C GLN A 130 -0.54 1.85 -5.16
N GLN A 131 -0.36 3.16 -5.36
CA GLN A 131 -1.35 4.14 -4.97
C GLN A 131 -2.61 4.02 -5.82
N GLY A 132 -3.77 4.19 -5.18
CA GLY A 132 -5.02 4.23 -5.91
C GLY A 132 -5.08 5.45 -6.82
N GLU A 133 -5.82 5.30 -7.92
CA GLU A 133 -5.86 6.33 -8.95
C GLU A 133 -6.54 7.60 -8.41
N ASP A 134 -5.83 8.71 -8.47
CA ASP A 134 -6.41 10.00 -8.12
C ASP A 134 -7.49 10.38 -9.12
N ALA A 135 -8.53 11.04 -8.63
CA ALA A 135 -9.59 11.51 -9.51
C ALA A 135 -9.13 12.66 -10.38
N CYS A 136 -8.48 13.66 -9.77
CA CYS A 136 -8.03 14.84 -10.48
C CYS A 136 -6.51 15.00 -10.35
N PRO A 137 -5.84 15.50 -11.40
CA PRO A 137 -6.43 15.91 -12.68
C PRO A 137 -6.66 14.72 -13.62
N SER A 138 -7.12 15.01 -14.84
CA SER A 138 -7.40 13.98 -15.81
C SER A 138 -6.98 14.46 -17.20
N THR A 139 -6.53 13.52 -18.03
CA THR A 139 -6.18 13.82 -19.40
C THR A 139 -7.39 13.87 -20.32
N ASN A 140 -8.56 13.42 -19.84
CA ASN A 140 -9.79 13.55 -20.60
C ASN A 140 -10.32 14.97 -20.46
N GLN A 141 -10.75 15.55 -21.58
CA GLN A 141 -11.07 16.97 -21.60
C GLN A 141 -12.34 17.28 -20.81
N LEU A 142 -13.34 16.39 -20.87
CA LEU A 142 -14.58 16.66 -20.15
C LEU A 142 -14.40 16.43 -18.65
N ILE A 143 -13.66 15.38 -18.28
CA ILE A 143 -13.40 15.11 -16.87
C ILE A 143 -12.60 16.25 -16.25
N GLN A 144 -11.67 16.83 -17.02
CA GLN A 144 -10.89 17.95 -16.50
C GLN A 144 -11.76 19.16 -16.23
N LYS A 145 -12.81 19.37 -17.04
CA LYS A 145 -13.75 20.44 -16.76
C LYS A 145 -14.48 20.23 -15.44
N VAL A 146 -14.73 18.96 -15.08
CA VAL A 146 -15.30 18.65 -13.77
C VAL A 146 -14.28 18.92 -12.67
N CYS A 147 -13.00 18.68 -12.94
CA CYS A 147 -11.98 18.80 -11.91
C CYS A 147 -11.74 20.26 -11.53
N ILE A 148 -11.58 21.13 -12.53
CA ILE A 148 -11.35 22.54 -12.26
C ILE A 148 -12.60 23.25 -11.73
N GLY A 149 -13.76 22.60 -11.78
CA GLY A 149 -14.97 23.12 -11.21
C GLY A 149 -15.94 23.75 -12.19
N GLU A 150 -15.55 23.90 -13.46
CA GLU A 150 -16.40 24.53 -14.46
C GLU A 150 -17.47 23.59 -15.01
N ASN A 151 -17.73 22.47 -14.34
CA ASN A 151 -18.80 21.56 -14.71
C ASN A 151 -19.64 21.28 -13.47
N ASN A 152 -20.89 21.72 -13.48
CA ASN A 152 -21.78 21.62 -12.34
C ASN A 152 -22.79 20.49 -12.47
N VAL A 153 -22.53 19.52 -13.34
CA VAL A 153 -23.51 18.47 -13.60
C VAL A 153 -23.67 17.56 -12.38
N ILE A 154 -22.56 17.17 -11.76
CA ILE A 154 -22.65 16.31 -10.57
C ILE A 154 -23.32 17.05 -9.42
N GLU A 155 -22.93 18.31 -9.19
CA GLU A 155 -23.49 19.06 -8.08
C GLU A 155 -24.99 19.31 -8.27
N GLU A 156 -25.41 19.67 -9.48
CA GLU A 156 -26.83 19.90 -9.71
C GLU A 156 -27.61 18.59 -9.75
N GLU A 157 -26.95 17.45 -9.96
CA GLU A 157 -27.64 16.18 -9.88
C GLU A 157 -27.87 15.76 -8.44
N ILE A 158 -26.92 16.06 -7.55
CA ILE A 158 -27.12 15.78 -6.13
C ILE A 158 -28.20 16.68 -5.56
N ARG A 159 -28.30 17.92 -6.05
CA ARG A 159 -29.28 18.86 -5.54
C ARG A 159 -30.69 18.53 -6.01
N VAL A 160 -30.85 18.29 -7.31
CA VAL A 160 -32.17 18.09 -7.90
C VAL A 160 -32.59 16.63 -7.78
N ASN A 161 -31.82 15.73 -8.41
CA ASN A 161 -32.16 14.31 -8.45
C ASN A 161 -31.97 13.63 -7.10
N ARG A 162 -31.36 14.31 -6.13
CA ARG A 162 -31.21 13.88 -4.74
C ARG A 162 -30.18 12.77 -4.54
N SER A 163 -29.56 12.27 -5.61
CA SER A 163 -28.53 11.24 -5.50
C SER A 163 -27.86 11.11 -6.86
N VAL A 164 -26.73 10.39 -6.87
CA VAL A 164 -25.94 10.21 -8.08
C VAL A 164 -26.16 8.79 -8.58
N HIS A 165 -26.81 8.66 -9.73
CA HIS A 165 -26.92 7.38 -10.42
C HIS A 165 -26.57 7.55 -11.89
N GLU A 166 -26.74 8.76 -12.41
CA GLU A 166 -26.44 9.04 -13.81
C GLU A 166 -24.98 9.43 -14.00
N TRP A 167 -24.56 10.52 -13.38
CA TRP A 167 -23.20 11.02 -13.52
C TRP A 167 -22.36 10.60 -12.30
N ALA A 168 -22.07 9.30 -12.26
CA ALA A 168 -21.33 8.73 -11.15
C ALA A 168 -19.82 8.77 -11.43
N GLY A 169 -19.04 8.53 -10.37
CA GLY A 169 -17.60 8.57 -10.45
C GLY A 169 -17.02 9.82 -9.83
N GLY A 170 -15.70 9.79 -9.65
CA GLY A 170 -14.98 10.92 -9.08
C GLY A 170 -14.31 10.65 -7.75
N GLY A 171 -14.52 9.49 -7.15
CA GLY A 171 -13.84 9.11 -5.92
C GLY A 171 -12.68 8.18 -6.23
N GLY A 172 -11.52 8.51 -5.65
CA GLY A 172 -10.32 7.77 -5.98
C GLY A 172 -10.41 6.32 -5.57
N GLY A 173 -9.67 5.48 -6.30
CA GLY A 173 -9.64 4.07 -5.99
C GLY A 173 -8.89 3.78 -4.71
N GLY A 174 -9.12 2.58 -4.17
CA GLY A 174 -8.46 2.19 -2.95
C GLY A 174 -6.99 1.92 -3.15
N GLY A 175 -6.20 2.20 -2.10
CA GLY A 175 -4.78 1.95 -2.16
C GLY A 175 -4.46 0.47 -1.99
N GLY A 176 -3.50 0.01 -2.78
CA GLY A 176 -3.08 -1.37 -2.68
C GLY A 176 -2.24 -1.62 -1.44
N ALA A 177 -2.38 -2.83 -0.90
CA ALA A 177 -1.64 -3.18 0.30
C ALA A 177 -0.26 -3.74 -0.06
N THR A 178 0.62 -3.76 0.93
CA THR A 178 1.96 -4.30 0.79
C THR A 178 2.03 -5.65 1.48
N TYR A 179 2.37 -6.68 0.72
CA TYR A 179 2.41 -8.05 1.23
C TYR A 179 3.85 -8.56 1.21
N VAL A 180 4.24 -9.21 2.31
CA VAL A 180 5.54 -9.87 2.42
C VAL A 180 5.26 -11.26 3.01
N PHE A 181 5.34 -12.28 2.17
CA PHE A 181 4.98 -13.63 2.60
C PHE A 181 6.02 -14.64 2.15
N LYS A 182 5.89 -15.85 2.69
CA LYS A 182 6.83 -16.95 2.53
C LYS A 182 6.12 -18.15 1.93
N MET A 183 6.90 -19.14 1.51
CA MET A 183 6.38 -20.42 1.03
C MET A 183 6.90 -21.53 1.94
N LYS A 184 5.97 -22.28 2.54
CA LYS A 184 6.31 -23.39 3.42
C LYS A 184 5.54 -24.62 2.98
N ASP A 185 6.25 -25.60 2.43
CA ASP A 185 5.66 -26.87 1.98
C ASP A 185 4.50 -26.64 1.00
N GLY A 186 4.70 -25.69 0.10
CA GLY A 186 3.73 -25.44 -0.96
C GLY A 186 2.46 -24.72 -0.52
N VAL A 187 2.59 -23.74 0.36
CA VAL A 187 1.45 -22.90 0.75
C VAL A 187 1.97 -21.53 1.13
N PRO A 188 1.31 -20.45 0.69
CA PRO A 188 1.79 -19.10 1.04
C PRO A 188 1.53 -18.80 2.51
N VAL A 189 2.57 -18.32 3.19
CA VAL A 189 2.49 -17.99 4.61
C VAL A 189 2.77 -16.50 4.78
N PRO A 190 1.80 -15.70 5.23
CA PRO A 190 2.02 -14.26 5.34
C PRO A 190 2.90 -13.92 6.53
N LEU A 191 3.76 -12.91 6.35
CA LEU A 191 4.64 -12.42 7.40
C LEU A 191 4.29 -10.98 7.80
N ILE A 192 4.28 -10.06 6.84
CA ILE A 192 3.96 -8.66 7.08
C ILE A 192 3.02 -8.18 5.99
N ILE A 193 1.86 -7.67 6.39
CA ILE A 193 0.88 -7.10 5.47
C ILE A 193 0.56 -5.70 5.96
N ALA A 194 0.99 -4.68 5.22
CA ALA A 194 0.67 -3.29 5.51
C ALA A 194 -0.53 -2.87 4.68
N ALA A 195 -1.61 -2.48 5.35
CA ALA A 195 -2.87 -2.20 4.69
C ALA A 195 -2.75 -1.00 3.76
N GLY A 196 -3.65 -0.95 2.78
CA GLY A 196 -3.71 0.15 1.84
C GLY A 196 -4.74 1.19 2.27
N GLY A 197 -4.45 2.45 1.96
CA GLY A 197 -5.34 3.52 2.34
C GLY A 197 -6.65 3.48 1.57
N GLY A 198 -7.71 3.92 2.23
CA GLY A 198 -9.01 3.95 1.61
C GLY A 198 -9.14 5.04 0.57
N GLY A 199 -10.08 4.84 -0.34
CA GLY A 199 -10.29 5.80 -1.42
C GLY A 199 -11.07 7.00 -0.94
N ARG A 200 -10.53 8.19 -1.18
CA ARG A 200 -11.23 9.42 -0.83
C ARG A 200 -12.39 9.65 -1.79
N ALA A 201 -13.59 9.82 -1.23
CA ALA A 201 -14.77 10.01 -2.05
C ALA A 201 -14.68 11.33 -2.82
N TYR A 202 -15.57 11.47 -3.81
CA TYR A 202 -15.59 12.66 -4.66
C TYR A 202 -15.68 13.94 -3.83
N GLY A 203 -16.69 14.03 -2.98
CA GLY A 203 -16.80 15.14 -2.05
C GLY A 203 -16.48 14.71 -0.64
N ALA A 204 -15.47 15.31 -0.03
CA ALA A 204 -15.03 14.90 1.30
C ALA A 204 -14.37 16.08 2.00
N LYS A 205 -15.03 16.62 3.01
CA LYS A 205 -14.44 17.60 3.92
C LYS A 205 -14.35 17.04 5.34
N THR A 206 -14.33 15.72 5.47
CA THR A 206 -14.39 15.06 6.78
C THR A 206 -13.48 13.83 6.76
N ASP A 207 -12.90 13.52 7.92
CA ASP A 207 -12.00 12.39 8.06
C ASP A 207 -12.51 11.35 9.05
N THR A 208 -12.88 11.78 10.26
CA THR A 208 -13.37 10.96 11.38
C THR A 208 -12.27 10.07 11.94
N PHE A 209 -11.09 10.07 11.32
CA PHE A 209 -9.87 9.43 11.84
C PHE A 209 -10.14 8.02 12.34
N HIS A 210 -10.50 7.15 11.40
CA HIS A 210 -10.71 5.75 11.71
C HIS A 210 -9.41 5.11 12.21
N PRO A 211 -9.50 4.13 13.09
CA PRO A 211 -8.30 3.43 13.56
C PRO A 211 -7.77 2.49 12.48
N GLU A 212 -6.55 2.01 12.71
CA GLU A 212 -5.86 1.11 11.78
C GLU A 212 -5.81 -0.28 12.42
N ARG A 213 -6.57 -1.22 11.85
CA ARG A 213 -6.68 -2.55 12.39
C ARG A 213 -5.43 -3.36 12.08
N LEU A 214 -5.19 -4.37 12.92
CA LEU A 214 -4.02 -5.23 12.79
C LEU A 214 -4.35 -6.60 13.34
N GLU A 215 -3.99 -7.65 12.61
CA GLU A 215 -4.32 -9.02 12.95
C GLU A 215 -3.05 -9.81 13.22
N ASN A 216 -3.13 -10.71 14.20
CA ASN A 216 -2.02 -11.58 14.59
C ASN A 216 -2.35 -13.06 14.52
N ASN A 217 -3.55 -13.45 14.94
CA ASN A 217 -3.98 -14.83 14.85
C ASN A 217 -4.40 -15.14 13.42
N SER A 218 -3.80 -16.18 12.83
CA SER A 218 -3.91 -16.43 11.40
C SER A 218 -5.21 -17.12 11.01
N SER A 219 -5.93 -17.73 11.97
CA SER A 219 -7.14 -18.45 11.60
C SER A 219 -8.29 -17.52 11.22
N VAL A 220 -8.16 -16.22 11.44
CA VAL A 220 -9.16 -15.27 10.99
C VAL A 220 -9.05 -15.14 9.47
N LEU A 221 -10.15 -15.42 8.77
CA LEU A 221 -10.12 -15.46 7.31
C LEU A 221 -9.80 -14.08 6.74
N GLY A 222 -8.78 -14.04 5.89
CA GLY A 222 -8.41 -12.81 5.22
C GLY A 222 -9.21 -12.57 3.96
N LEU A 223 -10.48 -12.24 4.12
CA LEU A 223 -11.39 -12.09 2.99
C LEU A 223 -11.39 -10.66 2.46
N ASN A 224 -12.09 -10.46 1.35
CA ASN A 224 -12.19 -9.15 0.73
C ASN A 224 -13.15 -8.25 1.51
N GLY A 225 -13.05 -6.95 1.24
CA GLY A 225 -13.97 -6.00 1.82
C GLY A 225 -15.29 -5.96 1.07
N ASN A 226 -16.33 -5.50 1.78
CA ASN A 226 -17.66 -5.42 1.18
C ASN A 226 -17.67 -4.41 0.05
N SER A 227 -18.16 -4.84 -1.11
CA SER A 227 -18.21 -4.00 -2.30
C SER A 227 -19.67 -3.67 -2.61
N GLY A 228 -19.97 -2.38 -2.67
CA GLY A 228 -21.28 -1.93 -3.10
C GLY A 228 -21.23 -1.43 -4.53
N ALA A 229 -21.40 -0.12 -4.72
CA ALA A 229 -21.15 0.47 -6.03
C ALA A 229 -19.65 0.57 -6.29
N ALA A 230 -18.90 1.14 -5.36
CA ALA A 230 -17.45 1.12 -5.43
C ALA A 230 -16.93 -0.25 -5.00
N GLY A 231 -15.72 -0.58 -5.46
CA GLY A 231 -15.16 -1.88 -5.19
C GLY A 231 -14.48 -1.94 -3.83
N GLY A 232 -14.61 -3.10 -3.18
CA GLY A 232 -13.97 -3.32 -1.91
C GLY A 232 -12.51 -3.70 -2.06
N GLY A 233 -11.80 -3.66 -0.93
CA GLY A 233 -10.39 -4.00 -0.94
C GLY A 233 -10.15 -5.49 -1.07
N GLY A 234 -8.98 -5.84 -1.58
CA GLY A 234 -8.58 -7.21 -1.73
C GLY A 234 -7.97 -7.75 -0.45
N GLY A 235 -8.42 -8.93 -0.05
CA GLY A 235 -7.93 -9.58 1.15
C GLY A 235 -6.71 -10.43 0.90
N TRP A 236 -6.50 -11.40 1.81
CA TRP A 236 -5.37 -12.31 1.66
C TRP A 236 -5.69 -13.44 0.69
N ASN A 237 -6.81 -14.12 0.88
CA ASN A 237 -7.21 -15.22 0.02
C ASN A 237 -8.73 -15.27 -0.03
N ASP A 238 -9.30 -14.95 -1.19
CA ASP A 238 -10.74 -14.98 -1.37
C ASP A 238 -11.03 -15.28 -2.84
N ASN A 239 -12.30 -15.31 -3.19
CA ASN A 239 -12.76 -15.53 -4.56
C ASN A 239 -13.43 -14.24 -5.03
N THR A 240 -12.65 -13.36 -5.63
CA THR A 240 -13.17 -12.07 -6.11
C THR A 240 -13.99 -12.30 -7.38
N SER A 241 -15.28 -11.98 -7.31
CA SER A 241 -16.20 -12.19 -8.42
C SER A 241 -16.64 -10.89 -9.10
N LEU A 242 -16.41 -9.74 -8.47
CA LEU A 242 -16.82 -8.46 -9.03
C LEU A 242 -15.62 -7.75 -9.65
N LEU A 243 -15.83 -7.19 -10.84
CA LEU A 243 -14.73 -6.56 -11.56
C LEU A 243 -14.22 -5.32 -10.83
N TRP A 244 -15.11 -4.50 -10.30
CA TRP A 244 -14.69 -3.29 -9.62
C TRP A 244 -14.04 -3.55 -8.27
N ALA A 245 -14.20 -4.75 -7.72
CA ALA A 245 -13.58 -5.08 -6.44
C ALA A 245 -12.11 -5.45 -6.62
N GLY A 246 -11.29 -5.06 -5.66
CA GLY A 246 -9.89 -5.45 -5.69
C GLY A 246 -9.73 -6.93 -5.38
N LYS A 247 -8.87 -7.58 -6.14
CA LYS A 247 -8.68 -9.02 -5.99
C LYS A 247 -7.70 -9.32 -4.86
N SER A 248 -7.86 -10.49 -4.26
CA SER A 248 -7.04 -10.88 -3.11
C SER A 248 -5.59 -11.11 -3.53
N LEU A 249 -4.73 -11.29 -2.53
CA LEU A 249 -3.32 -11.48 -2.78
C LEU A 249 -3.07 -12.73 -3.62
N GLN A 250 -3.66 -13.86 -3.22
CA GLN A 250 -3.45 -15.11 -3.92
C GLN A 250 -4.14 -15.17 -5.28
N GLU A 251 -4.78 -14.09 -5.71
CA GLU A 251 -5.39 -14.01 -7.04
C GLU A 251 -4.63 -13.10 -7.99
N GLY A 252 -3.56 -12.46 -7.52
CA GLY A 252 -2.82 -11.48 -8.30
C GLY A 252 -2.87 -10.08 -7.74
N ALA A 253 -3.79 -9.80 -6.81
CA ALA A 253 -3.88 -8.51 -6.12
C ALA A 253 -4.04 -7.35 -7.10
N THR A 254 -4.72 -7.58 -8.22
CA THR A 254 -4.92 -6.54 -9.21
C THR A 254 -5.99 -5.56 -8.75
N GLY A 255 -5.77 -4.28 -9.01
CA GLY A 255 -6.75 -3.27 -8.66
C GLY A 255 -8.01 -3.41 -9.49
N GLY A 256 -9.14 -3.11 -8.86
CA GLY A 256 -10.42 -3.26 -9.52
C GLY A 256 -10.73 -2.11 -10.48
N HIS A 257 -11.67 -2.37 -11.38
CA HIS A 257 -12.12 -1.36 -12.30
C HIS A 257 -13.01 -0.35 -11.57
N SER A 258 -13.36 0.72 -12.28
CA SER A 258 -14.26 1.73 -11.73
C SER A 258 -15.69 1.22 -11.83
N CYS A 259 -16.64 2.08 -11.48
CA CYS A 259 -18.05 1.72 -11.62
C CYS A 259 -18.38 1.49 -13.10
N PRO A 260 -19.13 0.45 -13.44
CA PRO A 260 -19.64 0.33 -14.81
C PRO A 260 -20.44 1.54 -15.23
N GLN A 261 -21.09 2.23 -14.28
CA GLN A 261 -21.81 3.46 -14.58
C GLN A 261 -20.88 4.67 -14.63
N ALA A 262 -19.77 4.64 -13.88
CA ALA A 262 -18.77 5.68 -14.03
C ALA A 262 -18.23 5.73 -15.45
N MET A 263 -18.11 4.58 -16.09
CA MET A 263 -17.87 4.51 -17.53
C MET A 263 -19.21 4.49 -18.27
N LYS A 264 -19.13 4.60 -19.59
CA LYS A 264 -20.28 4.67 -20.50
C LYS A 264 -21.02 6.00 -20.37
N LYS A 265 -20.70 6.79 -19.34
CA LYS A 265 -21.23 8.13 -19.19
C LYS A 265 -20.12 9.17 -19.11
N TRP A 266 -19.11 8.92 -18.29
CA TRP A 266 -17.88 9.70 -18.23
C TRP A 266 -16.74 8.89 -18.84
N GLY A 267 -15.54 9.44 -18.76
CA GLY A 267 -14.34 8.67 -18.97
C GLY A 267 -13.68 8.39 -17.63
N TRP A 268 -14.47 8.56 -16.57
CA TRP A 268 -13.97 8.46 -15.20
C TRP A 268 -13.35 7.10 -14.91
N GLU A 269 -12.04 7.05 -14.73
CA GLU A 269 -11.35 5.85 -14.29
C GLU A 269 -10.58 6.18 -13.02
N THR A 270 -11.06 5.66 -11.89
CA THR A 270 -10.34 5.72 -10.62
C THR A 270 -10.15 4.28 -10.17
N ARG A 271 -9.09 3.65 -10.65
CA ARG A 271 -8.86 2.24 -10.44
C ARG A 271 -8.06 2.02 -9.15
N GLY A 272 -8.35 0.91 -8.49
CA GLY A 272 -7.60 0.57 -7.29
C GLY A 272 -6.14 0.28 -7.61
N GLY A 273 -5.28 0.55 -6.63
CA GLY A 273 -3.87 0.30 -6.81
C GLY A 273 -3.53 -1.17 -6.73
N PHE A 274 -2.37 -1.51 -7.28
CA PHE A 274 -1.88 -2.88 -7.22
C PHE A 274 -1.66 -3.30 -5.78
N GLY A 275 -2.25 -4.43 -5.39
CA GLY A 275 -2.19 -4.89 -4.02
C GLY A 275 -3.55 -4.96 -3.35
N GLY A 276 -4.59 -5.25 -4.13
CA GLY A 276 -5.92 -5.40 -3.59
C GLY A 276 -6.75 -4.15 -3.53
N GLY A 277 -6.27 -3.04 -4.10
CA GLY A 277 -7.00 -1.79 -4.08
C GLY A 277 -8.34 -1.87 -4.80
N GLY A 278 -9.40 -1.38 -4.15
CA GLY A 278 -10.71 -1.42 -4.75
C GLY A 278 -10.92 -0.29 -5.75
N GLY A 279 -11.73 -0.57 -6.77
CA GLY A 279 -12.02 0.42 -7.78
C GLY A 279 -12.87 1.55 -7.24
N GLY A 280 -12.86 2.66 -7.98
CA GLY A 280 -13.49 3.89 -7.54
C GLY A 280 -14.81 4.17 -8.22
N CYS A 281 -15.65 4.92 -7.52
CA CYS A 281 -16.95 5.38 -8.01
C CYS A 281 -17.10 6.81 -7.50
N SER A 282 -18.32 7.34 -7.51
CA SER A 282 -18.56 8.57 -6.76
C SER A 282 -18.15 8.41 -5.31
N SER A 283 -18.33 7.21 -4.75
CA SER A 283 -17.79 6.85 -3.45
C SER A 283 -16.38 6.30 -3.60
N GLY A 284 -15.65 6.31 -2.49
CA GLY A 284 -14.27 5.85 -2.51
C GLY A 284 -14.15 4.35 -2.50
N GLY A 285 -13.12 3.85 -3.19
CA GLY A 285 -12.87 2.42 -3.23
C GLY A 285 -12.13 1.95 -1.99
N GLY A 286 -12.36 0.68 -1.64
CA GLY A 286 -11.75 0.12 -0.44
C GLY A 286 -10.27 -0.19 -0.64
N GLY A 287 -9.53 -0.07 0.45
CA GLY A 287 -8.10 -0.33 0.42
C GLY A 287 -7.80 -1.79 0.75
N GLY A 288 -6.78 -2.33 0.09
CA GLY A 288 -6.42 -3.72 0.28
C GLY A 288 -5.71 -3.97 1.59
N GLY A 289 -5.56 -5.25 1.90
CA GLY A 289 -4.89 -5.66 3.12
C GLY A 289 -5.05 -7.15 3.34
N TYR A 290 -4.79 -7.59 4.57
CA TYR A 290 -5.12 -8.95 4.95
C TYR A 290 -6.62 -9.19 4.82
N ILE A 291 -7.42 -8.28 5.38
CA ILE A 291 -8.85 -8.22 5.15
C ILE A 291 -9.14 -6.93 4.40
N GLY A 292 -9.81 -7.04 3.25
CA GLY A 292 -10.03 -5.88 2.42
C GLY A 292 -10.88 -4.83 3.11
N GLY A 293 -10.62 -3.57 2.76
CA GLY A 293 -11.37 -2.47 3.32
C GLY A 293 -12.75 -2.36 2.69
N ASN A 294 -13.76 -2.17 3.52
CA ASN A 294 -15.13 -2.10 3.06
C ASN A 294 -15.41 -0.75 2.41
N ALA A 295 -16.12 -0.77 1.30
CA ALA A 295 -16.49 0.43 0.56
C ALA A 295 -17.97 0.74 0.78
N ALA A 296 -18.39 1.90 0.27
CA ALA A 296 -19.79 2.27 0.36
C ALA A 296 -20.66 1.29 -0.43
N SER A 297 -21.89 1.12 0.04
CA SER A 297 -22.80 0.13 -0.54
C SER A 297 -23.79 0.73 -1.53
N ASN A 298 -23.91 2.06 -1.60
CA ASN A 298 -24.94 2.67 -2.43
C ASN A 298 -24.41 3.91 -3.16
N ASN A 299 -23.11 3.98 -3.42
CA ASN A 299 -22.49 5.08 -4.14
C ASN A 299 -22.74 6.42 -3.44
N ASP A 300 -22.22 6.53 -2.22
CA ASP A 300 -22.37 7.75 -1.43
C ASP A 300 -21.26 8.72 -1.80
N PRO A 301 -21.58 9.92 -2.31
CA PRO A 301 -20.52 10.84 -2.75
C PRO A 301 -19.61 11.33 -1.62
N GLU A 302 -19.96 11.07 -0.36
CA GLU A 302 -19.15 11.51 0.76
C GLU A 302 -18.55 10.35 1.56
N MET A 303 -18.89 9.10 1.23
CA MET A 303 -18.40 7.94 1.97
C MET A 303 -17.06 7.51 1.39
N ASP A 304 -15.99 7.73 2.15
CA ASP A 304 -14.69 7.24 1.75
C ASP A 304 -14.63 5.71 1.88
N GLY A 305 -13.60 5.14 1.29
CA GLY A 305 -13.33 3.73 1.48
C GLY A 305 -12.54 3.49 2.76
N GLU A 306 -12.81 2.34 3.38
CA GLU A 306 -12.12 2.01 4.62
C GLU A 306 -10.72 1.50 4.33
N ASP A 307 -9.78 1.88 5.19
CA ASP A 307 -8.44 1.32 5.12
C ASP A 307 -8.51 -0.19 5.33
N GLY A 308 -7.59 -0.90 4.69
CA GLY A 308 -7.52 -2.34 4.84
C GLY A 308 -7.15 -2.75 6.25
N VAL A 309 -7.04 -4.06 6.44
CA VAL A 309 -6.65 -4.64 7.73
C VAL A 309 -5.22 -5.16 7.58
N SER A 310 -4.34 -4.69 8.46
CA SER A 310 -2.96 -5.13 8.45
C SER A 310 -2.81 -6.46 9.19
N PHE A 311 -1.65 -7.08 9.03
CA PHE A 311 -1.41 -8.39 9.60
C PHE A 311 0.09 -8.57 9.86
N ILE A 312 0.39 -9.30 10.93
CA ILE A 312 1.76 -9.70 11.26
C ILE A 312 1.73 -11.11 11.81
N SER A 313 2.66 -11.94 11.35
CA SER A 313 2.67 -13.34 11.74
C SER A 313 2.93 -13.49 13.24
N PRO A 314 2.37 -14.53 13.87
CA PRO A 314 2.76 -14.82 15.26
C PRO A 314 4.26 -15.02 15.41
N LEU A 315 4.88 -15.70 14.47
CA LEU A 315 6.33 -15.67 14.35
C LEU A 315 6.76 -14.23 14.06
N GLY A 316 7.64 -13.71 14.89
CA GLY A 316 8.07 -12.35 14.71
C GLY A 316 7.58 -11.44 15.82
N ILE A 317 8.32 -10.35 16.04
CA ILE A 317 8.03 -9.41 17.12
C ILE A 317 7.60 -8.08 16.50
N LEU A 318 6.57 -7.48 17.11
CA LEU A 318 6.05 -6.21 16.62
C LEU A 318 6.86 -5.06 17.21
N TYR A 319 7.28 -4.13 16.35
CA TYR A 319 8.14 -3.04 16.77
C TYR A 319 7.36 -1.86 17.33
N THR A 320 6.48 -1.27 16.51
CA THR A 320 5.70 -0.10 16.89
C THR A 320 4.29 -0.33 16.36
N PRO A 321 3.27 -0.06 17.18
CA PRO A 321 1.89 -0.31 16.73
C PRO A 321 1.60 0.33 15.38
N ALA A 322 0.60 -0.22 14.69
CA ALA A 322 0.38 0.06 13.28
C ALA A 322 -0.20 1.44 13.08
N LEU A 323 0.67 2.44 12.95
CA LEU A 323 0.27 3.80 12.63
C LEU A 323 0.24 3.99 11.12
N LYS A 324 -0.53 4.99 10.68
CA LYS A 324 -0.59 5.37 9.29
C LYS A 324 0.22 6.65 9.09
N VAL A 325 1.25 6.56 8.24
CA VAL A 325 2.20 7.66 8.09
C VAL A 325 2.34 8.09 6.64
N MET A 326 2.79 7.18 5.79
CA MET A 326 3.33 7.55 4.49
C MET A 326 2.24 7.76 3.45
N GLU A 327 2.50 8.69 2.54
CA GLU A 327 1.64 9.01 1.40
C GLU A 327 2.28 8.48 0.12
N GLY A 328 1.48 8.45 -0.95
CA GLY A 328 1.98 7.97 -2.23
C GLY A 328 2.06 6.46 -2.27
N HIS A 329 3.00 5.96 -3.08
CA HIS A 329 3.22 4.53 -3.17
C HIS A 329 3.79 3.99 -1.85
N GLY A 330 3.66 2.68 -1.67
CA GLY A 330 4.25 2.00 -0.54
C GLY A 330 5.67 1.56 -0.83
N GLU A 331 6.25 0.87 0.14
CA GLU A 331 7.61 0.35 0.01
C GLU A 331 7.87 -0.64 1.14
N VAL A 332 9.00 -1.34 1.04
CA VAL A 332 9.43 -2.31 2.03
C VAL A 332 10.90 -2.04 2.35
N ASN A 333 11.22 -1.92 3.64
CA ASN A 333 12.59 -1.76 4.10
C ASN A 333 12.95 -2.97 4.95
N ILE A 334 13.93 -3.74 4.50
CA ILE A 334 14.44 -4.90 5.22
C ILE A 334 15.91 -4.65 5.54
N LYS A 335 16.28 -4.82 6.80
CA LYS A 335 17.67 -4.68 7.20
C LYS A 335 17.98 -5.68 8.31
N HIS A 336 19.26 -6.01 8.43
CA HIS A 336 19.74 -6.86 9.51
C HIS A 336 19.37 -6.24 10.84
N TYR A 337 18.63 -6.98 11.66
CA TYR A 337 18.07 -6.42 12.88
C TYR A 337 19.18 -6.05 13.85
N LEU A 338 19.21 -4.79 14.25
CA LEU A 338 20.07 -4.30 15.32
C LEU A 338 19.21 -3.49 16.27
N ASN A 339 19.46 -3.66 17.57
CA ASN A 339 18.71 -2.93 18.60
C ASN A 339 19.39 -1.58 18.78
N CYS A 340 18.91 -0.58 18.04
CA CYS A 340 19.44 0.77 18.10
C CYS A 340 18.64 1.68 19.03
N SER A 341 17.95 1.10 20.01
CA SER A 341 17.06 1.89 20.85
C SER A 341 17.82 2.86 21.75
N HIS A 342 19.09 2.56 22.05
CA HIS A 342 19.87 3.46 22.91
C HIS A 342 20.22 4.76 22.20
N CYS A 343 20.30 4.73 20.87
CA CYS A 343 20.55 5.95 20.12
C CYS A 343 19.33 6.86 20.18
N GLU A 344 19.55 8.15 19.95
CA GLU A 344 18.46 9.11 19.94
C GLU A 344 17.46 8.78 18.84
N VAL A 345 17.94 8.63 17.61
CA VAL A 345 17.14 8.13 16.50
C VAL A 345 17.51 6.67 16.29
N ASP A 346 16.51 5.85 15.97
CA ASP A 346 16.73 4.41 15.81
C ASP A 346 17.37 4.14 14.45
N GLU A 347 18.63 4.58 14.34
CA GLU A 347 19.40 4.39 13.10
C GLU A 347 20.85 4.17 13.53
N CYS A 348 21.28 2.91 13.50
CA CYS A 348 22.64 2.56 13.89
C CYS A 348 23.12 1.37 13.08
N HIS A 349 24.44 1.28 12.91
CA HIS A 349 25.07 0.21 12.17
C HIS A 349 26.08 -0.50 13.04
N MET A 350 26.43 -1.73 12.65
CA MET A 350 27.35 -2.57 13.41
C MET A 350 28.52 -2.98 12.54
N ASP A 351 29.72 -2.91 13.10
CA ASP A 351 30.91 -3.37 12.40
C ASP A 351 30.86 -4.88 12.27
N PRO A 352 31.11 -5.44 11.08
CA PRO A 352 30.93 -6.90 10.91
C PRO A 352 31.99 -7.73 11.62
N GLU A 353 33.21 -7.22 11.76
CA GLU A 353 34.28 -8.00 12.38
C GLU A 353 34.31 -7.83 13.90
N SER A 354 34.38 -6.58 14.37
CA SER A 354 34.52 -6.31 15.79
C SER A 354 33.20 -6.19 16.52
N HIS A 355 32.07 -6.13 15.79
CA HIS A 355 30.74 -6.05 16.39
C HIS A 355 30.60 -4.84 17.31
N LYS A 356 31.24 -3.74 16.94
CA LYS A 356 31.11 -2.48 17.66
C LYS A 356 29.97 -1.68 17.05
N VAL A 357 28.88 -1.54 17.80
CA VAL A 357 27.69 -0.86 17.29
C VAL A 357 27.85 0.64 17.50
N ILE A 358 27.59 1.41 16.45
CA ILE A 358 27.73 2.86 16.48
C ILE A 358 26.45 3.48 15.93
N CYS A 359 25.99 4.55 16.58
CA CYS A 359 24.79 5.25 16.12
C CYS A 359 25.06 5.91 14.78
N PHE A 360 24.34 5.49 13.74
CA PHE A 360 24.56 6.02 12.40
C PHE A 360 23.97 7.42 12.28
N CYS A 361 24.76 8.34 11.72
CA CYS A 361 24.37 9.73 11.61
C CYS A 361 24.38 10.26 10.18
N ASP A 362 25.42 9.98 9.41
CA ASP A 362 25.83 10.87 8.33
C ASP A 362 24.73 11.15 7.31
N HIS A 363 24.22 12.38 7.36
CA HIS A 363 23.45 13.03 6.31
C HIS A 363 23.87 14.48 6.19
N GLY A 364 25.13 14.75 6.54
CA GLY A 364 25.60 16.08 6.86
C GLY A 364 25.86 16.30 8.33
N THR A 365 25.69 15.28 9.16
CA THR A 365 25.82 15.39 10.60
C THR A 365 26.94 14.49 11.09
N VAL A 366 27.35 14.72 12.35
CA VAL A 366 28.39 13.94 13.01
C VAL A 366 27.92 13.60 14.42
N LEU A 367 28.19 12.37 14.84
CA LEU A 367 27.78 11.90 16.16
C LEU A 367 28.36 12.81 17.25
N ALA A 368 27.51 13.21 18.19
CA ALA A 368 27.89 14.13 19.24
C ALA A 368 28.70 13.42 20.32
N GLU A 369 29.09 14.16 21.34
CA GLU A 369 29.98 13.64 22.39
C GLU A 369 29.26 12.65 23.31
N ASP A 370 27.95 12.72 23.41
CA ASP A 370 27.19 11.85 24.30
C ASP A 370 26.98 10.45 23.74
N GLY A 371 27.63 10.10 22.63
CA GLY A 371 27.47 8.81 22.01
C GLY A 371 26.22 8.64 21.18
N VAL A 372 25.22 9.50 21.37
CA VAL A 372 23.98 9.48 20.60
C VAL A 372 23.72 10.89 20.09
N SER A 373 22.57 11.11 19.47
CA SER A 373 22.06 12.46 19.18
C SER A 373 23.01 13.23 18.26
N CYS A 374 23.08 12.76 17.02
CA CYS A 374 23.92 13.37 16.00
C CYS A 374 23.70 14.88 15.92
N ILE A 375 24.78 15.60 15.58
CA ILE A 375 24.77 17.05 15.47
C ILE A 375 25.51 17.44 14.20
N VAL A 376 25.39 18.72 13.82
CA VAL A 376 26.00 19.23 12.60
C VAL A 376 27.41 19.73 12.92
N SER A 377 28.41 19.17 12.22
CA SER A 377 29.82 19.31 12.53
C SER A 377 30.48 20.63 12.12
N PRO A 378 30.52 20.98 10.81
CA PRO A 378 31.58 21.89 10.31
C PRO A 378 31.58 23.31 10.87
#